data_5OT1
#
_entry.id   5OT1
#
_cell.length_a   192.649
_cell.length_b   63.888
_cell.length_c   56.122
_cell.angle_alpha   90.00
_cell.angle_beta   93.80
_cell.angle_gamma   90.00
#
_symmetry.space_group_name_H-M   'C 1 2 1'
#
loop_
_entity.id
_entity.type
_entity.pdbx_description
1 polymer 'Pullulanase type II, GH13 family'
2 non-polymer 'CALCIUM ION'
3 water water
#
_entity_poly.entity_id   1
_entity_poly.type   'polypeptide(L)'
_entity_poly.pdbx_seq_one_letter_code
;MKKGGLLLILLILVSIASGCISESNENQTATASTVPPTSVTPSQSSTPTTSTSTYGPSERTELKLPSVNYTPIYVGIEKG
CPSGRVPVKFTYNPGNKTVKSVSLRGSFNNWGEWPMELKNGTWETTVCLRPGRYEYKYFINGQWVKDMSDDGTGRPYDPD
ADAYAPDGYGGKNAVRVVEGREAFYVEFDPRDPAYLSIADKRTVVRFEAKRDTVESAVLVTDHGNYTMKLQVWWDFGETW
RAEMPVEPADYYILVTSSDGGKFAVLNTSESPFFHFDGVEGFPQLEWVSNGITYQIFPDRFNNGNKSNDALALDHDELIL
NQVNPGQPILSNWSDPITPLHCCHQYFGGDIKGITEKLDYLQSLGVTIIYINPIFLSGSAHGYDTYDYYRLDPKFGTEDE
LREFLDEAHRRGMRVIFDFVPNHCGIGNPAFLDVWEKGNESPYWDWFFVKKWPFKLGDGSAYVGWWGFGSLPKLNTANQE
VREYLIGAALHWIEFGFDGIRVDVPNEVLDPGTFFPELRKAVKEKKPDAYLVGEIWTLSPEWVKGDRFDSLMNYALGRDI
LLNYAKGLLSGESAMKMMGRYYASYGENVVAMGFNLVDSHDTSRVLTDLGGGKLGDTPSNESIQRLKLLSTLLYALPGTP
VTFQGDERGLLGDKGHYDEQRYPIQWDTVNEDVLNHYRALAELRKRVPALRSSAMRFYTAKGGVMAFFRGHHDEVLVVAN
SWKKPALLELPEGEWKVIWPEDFSPELLRGTVEVPAIGIIILERG
;
_entity_poly.pdbx_strand_id   A
#
# COMPACT_ATOMS: atom_id res chain seq x y z
N TYR A 185 -4.35 29.22 18.85
CA TYR A 185 -4.69 28.34 17.74
C TYR A 185 -4.62 26.87 18.14
N VAL A 186 -5.75 26.18 18.01
CA VAL A 186 -5.85 24.75 18.27
C VAL A 186 -6.87 24.17 17.30
N GLU A 187 -6.52 23.08 16.64
CA GLU A 187 -7.42 22.37 15.75
C GLU A 187 -7.77 21.04 16.36
N PHE A 188 -9.06 20.70 16.31
CA PHE A 188 -9.54 19.43 16.86
C PHE A 188 -10.90 19.14 16.26
N ASP A 189 -11.12 17.88 15.90
CA ASP A 189 -12.40 17.51 15.31
C ASP A 189 -12.72 16.04 15.60
N PRO A 190 -13.65 15.74 16.51
CA PRO A 190 -13.91 14.32 16.80
C PRO A 190 -14.56 13.57 15.67
N ARG A 191 -15.14 14.25 14.68
CA ARG A 191 -15.77 13.52 13.57
C ARG A 191 -14.75 12.97 12.60
N ASP A 192 -13.53 13.53 12.58
CA ASP A 192 -12.50 13.09 11.66
C ASP A 192 -11.58 12.06 12.32
N PRO A 193 -11.33 10.95 11.63
CA PRO A 193 -10.45 9.92 12.21
C PRO A 193 -9.09 10.43 12.62
N ALA A 194 -8.60 11.51 12.01
CA ALA A 194 -7.26 11.99 12.36
C ALA A 194 -7.17 12.44 13.80
N TYR A 195 -8.28 12.92 14.37
CA TYR A 195 -8.30 13.41 15.74
C TYR A 195 -8.95 12.44 16.71
N LEU A 196 -9.93 11.66 16.26
CA LEU A 196 -10.59 10.66 17.09
C LEU A 196 -10.71 9.37 16.29
N SER A 197 -10.08 8.31 16.78
CA SER A 197 -10.12 7.02 16.12
C SER A 197 -9.88 5.93 17.16
N ILE A 198 -10.24 4.70 16.79
CA ILE A 198 -10.11 3.54 17.66
C ILE A 198 -9.06 2.63 17.05
N ALA A 199 -7.94 2.48 17.75
CA ALA A 199 -6.84 1.64 17.29
C ALA A 199 -6.29 0.87 18.48
N ASP A 200 -5.99 -0.41 18.26
CA ASP A 200 -5.45 -1.28 19.31
C ASP A 200 -6.36 -1.30 20.55
N LYS A 201 -7.67 -1.43 20.30
CA LYS A 201 -8.67 -1.51 21.37
C LYS A 201 -8.62 -0.31 22.31
N ARG A 202 -8.23 0.84 21.78
CA ARG A 202 -8.12 2.06 22.56
C ARG A 202 -8.68 3.22 21.74
N THR A 203 -9.07 4.27 22.44
CA THR A 203 -9.58 5.49 21.82
C THR A 203 -8.45 6.51 21.78
N VAL A 204 -8.03 6.88 20.57
CA VAL A 204 -6.90 7.78 20.38
C VAL A 204 -7.45 9.18 20.12
N VAL A 205 -7.15 10.11 21.01
CA VAL A 205 -7.57 11.50 20.91
C VAL A 205 -6.35 12.35 20.63
N ARG A 206 -6.43 13.19 19.60
CA ARG A 206 -5.31 14.00 19.15
C ARG A 206 -5.82 15.36 18.72
N PHE A 207 -5.02 16.39 18.95
CA PHE A 207 -5.33 17.72 18.48
C PHE A 207 -4.10 18.33 17.81
N GLU A 208 -4.33 19.38 17.04
CA GLU A 208 -3.29 20.11 16.34
C GLU A 208 -3.04 21.44 17.02
N ALA A 209 -1.77 21.85 17.06
CA ALA A 209 -1.38 23.12 17.64
C ALA A 209 -0.28 23.73 16.77
N LYS A 210 0.18 24.91 17.18
CA LYS A 210 1.31 25.54 16.53
C LYS A 210 2.62 24.99 17.09
N ARG A 211 3.65 24.94 16.26
CA ARG A 211 4.91 24.35 16.67
C ARG A 211 5.53 25.13 17.83
N ASP A 212 5.91 24.39 18.87
CA ASP A 212 6.58 24.96 20.04
C ASP A 212 5.71 26.01 20.75
N THR A 213 4.44 25.67 20.95
CA THR A 213 3.52 26.56 21.66
C THR A 213 2.76 25.86 22.78
N VAL A 214 3.03 24.59 23.05
CA VAL A 214 2.36 23.85 24.10
C VAL A 214 3.42 23.23 25.00
N GLU A 215 3.26 23.42 26.32
CA GLU A 215 4.15 22.77 27.28
C GLU A 215 3.58 21.44 27.75
N SER A 216 2.26 21.36 27.96
CA SER A 216 1.63 20.14 28.40
C SER A 216 0.16 20.15 27.99
N ALA A 217 -0.45 18.97 28.05
CA ALA A 217 -1.86 18.82 27.74
C ALA A 217 -2.39 17.60 28.46
N VAL A 218 -3.66 17.66 28.86
CA VAL A 218 -4.31 16.56 29.57
C VAL A 218 -5.67 16.32 28.94
N LEU A 219 -5.95 15.07 28.61
CA LEU A 219 -7.26 14.65 28.09
C LEU A 219 -8.14 14.36 29.28
N VAL A 220 -8.96 15.33 29.65
CA VAL A 220 -9.88 15.20 30.78
C VAL A 220 -11.19 14.63 30.27
N THR A 221 -11.67 13.56 30.92
CA THR A 221 -12.91 12.91 30.53
C THR A 221 -13.74 12.62 31.77
N ASP A 222 -14.94 12.06 31.53
CA ASP A 222 -15.86 11.72 32.60
C ASP A 222 -15.24 10.68 33.54
N HIS A 223 -14.83 11.13 34.72
CA HIS A 223 -14.12 10.30 35.70
C HIS A 223 -12.95 9.58 35.04
N GLY A 224 -11.92 10.37 34.74
CA GLY A 224 -10.71 9.89 34.12
C GLY A 224 -9.88 11.03 33.54
N ASN A 225 -8.56 10.95 33.68
CA ASN A 225 -7.68 11.99 33.18
C ASN A 225 -6.38 11.36 32.73
N TYR A 226 -5.97 11.67 31.50
CA TYR A 226 -4.80 11.08 30.87
C TYR A 226 -3.93 12.18 30.29
N THR A 227 -2.63 12.09 30.51
CA THR A 227 -1.72 13.08 29.96
C THR A 227 -1.58 12.90 28.45
N MET A 228 -1.33 14.01 27.76
CA MET A 228 -1.09 14.00 26.33
C MET A 228 0.36 14.37 26.06
N LYS A 229 0.97 13.71 25.08
CA LYS A 229 2.33 14.01 24.65
C LYS A 229 2.35 14.13 23.14
N LEU A 230 3.30 14.92 22.64
CA LEU A 230 3.43 15.11 21.20
C LEU A 230 4.02 13.86 20.56
N GLN A 231 3.38 13.39 19.49
CA GLN A 231 3.88 12.21 18.79
C GLN A 231 4.52 12.51 17.44
N VAL A 232 3.99 13.49 16.70
CA VAL A 232 4.58 13.90 15.43
C VAL A 232 4.55 15.43 15.35
N TRP A 233 5.43 15.97 14.53
CA TRP A 233 5.47 17.40 14.29
C TRP A 233 6.04 17.64 12.89
N TRP A 234 5.67 18.78 12.30
CA TRP A 234 6.16 19.10 10.97
C TRP A 234 6.66 20.55 10.91
N ASP A 235 6.53 21.19 9.74
CA ASP A 235 7.05 22.54 9.58
C ASP A 235 6.38 23.52 10.54
N PHE A 236 5.07 23.68 10.40
CA PHE A 236 4.30 24.64 11.22
C PHE A 236 3.10 23.91 11.82
N GLY A 237 3.35 23.09 12.84
CA GLY A 237 2.29 22.36 13.49
C GLY A 237 2.83 21.23 14.33
N GLU A 238 2.00 20.80 15.28
CA GLU A 238 2.31 19.70 16.17
C GLU A 238 1.05 18.87 16.38
N THR A 239 1.24 17.71 17.02
CA THR A 239 0.12 16.80 17.30
C THR A 239 0.39 16.12 18.64
N TRP A 240 -0.50 16.31 19.59
CA TRP A 240 -0.42 15.64 20.89
C TRP A 240 -1.48 14.55 20.96
N ARG A 241 -1.13 13.39 21.53
CA ARG A 241 -2.03 12.26 21.59
C ARG A 241 -2.17 11.74 23.01
N ALA A 242 -3.33 11.13 23.29
CA ALA A 242 -3.55 10.35 24.50
C ALA A 242 -4.48 9.19 24.15
N GLU A 243 -4.41 8.14 24.97
CA GLU A 243 -5.20 6.94 24.75
C GLU A 243 -6.11 6.68 25.95
N MET A 244 -7.22 5.99 25.68
CA MET A 244 -8.17 5.59 26.71
C MET A 244 -8.99 4.43 26.18
N PRO A 245 -9.48 3.54 27.04
CA PRO A 245 -10.19 2.37 26.53
C PRO A 245 -11.47 2.76 25.79
N VAL A 246 -11.95 1.84 24.95
CA VAL A 246 -13.18 2.08 24.19
C VAL A 246 -14.36 2.02 25.15
N GLU A 247 -14.98 3.17 25.39
CA GLU A 247 -16.04 3.35 26.36
C GLU A 247 -16.74 4.68 26.09
N PRO A 248 -18.07 4.73 26.17
CA PRO A 248 -18.76 6.02 26.04
C PRO A 248 -18.21 7.00 27.09
N ALA A 249 -17.83 8.18 26.63
CA ALA A 249 -17.23 9.15 27.54
C ALA A 249 -17.47 10.56 27.01
N ASP A 250 -17.68 11.49 27.93
CA ASP A 250 -17.63 12.91 27.64
C ASP A 250 -16.27 13.44 28.07
N TYR A 251 -15.72 14.38 27.31
CA TYR A 251 -14.33 14.78 27.51
C TYR A 251 -14.09 16.21 27.02
N TYR A 252 -12.98 16.78 27.49
CA TYR A 252 -12.41 18.01 26.93
C TYR A 252 -10.91 17.98 27.19
N ILE A 253 -10.18 18.86 26.51
CA ILE A 253 -8.72 18.88 26.59
C ILE A 253 -8.29 20.18 27.28
N LEU A 254 -7.39 20.05 28.25
CA LEU A 254 -6.82 21.18 28.98
C LEU A 254 -5.37 21.33 28.53
N VAL A 255 -5.11 22.36 27.70
CA VAL A 255 -3.80 22.58 27.11
C VAL A 255 -3.10 23.71 27.85
N THR A 256 -1.88 23.44 28.31
CA THR A 256 -1.03 24.43 28.96
C THR A 256 -0.04 24.96 27.93
N SER A 257 -0.10 26.26 27.66
CA SER A 257 0.72 26.84 26.60
C SER A 257 2.19 26.89 27.00
N SER A 258 3.02 27.38 26.07
CA SER A 258 4.46 27.48 26.32
C SER A 258 4.79 28.71 27.16
N ASP A 259 4.16 29.84 26.85
CA ASP A 259 4.32 31.10 27.60
C ASP A 259 3.43 31.18 28.83
N GLY A 260 3.33 30.09 29.59
CA GLY A 260 2.51 30.11 30.79
C GLY A 260 1.03 30.42 30.56
N GLY A 261 0.38 29.63 29.71
CA GLY A 261 -1.02 29.81 29.41
C GLY A 261 -1.85 28.61 29.89
N LYS A 262 -3.17 28.78 29.81
CA LYS A 262 -4.10 27.73 30.23
C LYS A 262 -5.40 27.94 29.49
N PHE A 263 -5.72 27.03 28.56
CA PHE A 263 -6.90 27.08 27.74
C PHE A 263 -7.62 25.73 27.78
N ALA A 264 -8.94 25.77 27.60
CA ALA A 264 -9.77 24.56 27.58
C ALA A 264 -10.40 24.39 26.21
N VAL A 265 -10.21 23.22 25.62
CA VAL A 265 -10.71 22.93 24.27
C VAL A 265 -12.12 22.39 24.40
N LEU A 266 -13.11 23.26 24.14
CA LEU A 266 -14.51 22.89 24.21
C LEU A 266 -15.18 23.21 22.88
N ASN A 267 -16.39 22.71 22.70
CA ASN A 267 -17.19 23.06 21.54
C ASN A 267 -18.52 23.65 22.01
N THR A 268 -19.04 24.58 21.20
CA THR A 268 -20.28 25.29 21.47
C THR A 268 -20.25 25.98 22.83
N SER A 269 -21.43 26.32 23.35
CA SER A 269 -21.54 26.95 24.65
C SER A 269 -22.64 26.29 25.46
N GLU A 270 -23.69 25.84 24.78
CA GLU A 270 -24.77 25.11 25.43
C GLU A 270 -24.41 23.64 25.66
N SER A 271 -23.26 23.20 25.17
CA SER A 271 -22.80 21.82 25.36
C SER A 271 -21.29 21.81 25.28
N PRO A 272 -20.61 22.27 26.35
CA PRO A 272 -19.15 22.47 26.25
C PRO A 272 -18.37 21.18 26.18
N PHE A 273 -18.80 20.15 26.89
CA PHE A 273 -18.12 18.86 26.84
C PHE A 273 -18.34 18.20 25.48
N PHE A 274 -17.32 17.50 25.00
CA PHE A 274 -17.48 16.66 23.82
C PHE A 274 -18.14 15.35 24.22
N HIS A 275 -18.51 14.54 23.22
CA HIS A 275 -19.12 13.25 23.51
C HIS A 275 -18.61 12.20 22.53
N PHE A 276 -18.08 11.11 23.08
CA PHE A 276 -17.65 9.97 22.27
C PHE A 276 -18.72 8.90 22.33
N ASP A 277 -19.09 8.38 21.15
CA ASP A 277 -20.18 7.41 21.06
C ASP A 277 -19.80 6.03 21.59
N GLY A 278 -18.52 5.78 21.84
CA GLY A 278 -18.07 4.44 22.14
C GLY A 278 -18.23 3.45 21.02
N VAL A 279 -18.97 3.80 19.95
CA VAL A 279 -19.25 2.85 18.87
C VAL A 279 -18.08 2.81 17.90
N GLU A 280 -17.96 1.70 17.18
CA GLU A 280 -16.89 1.49 16.21
C GLU A 280 -17.42 1.70 14.79
N GLY A 281 -16.94 2.76 14.14
CA GLY A 281 -17.34 3.06 12.79
C GLY A 281 -16.31 2.62 11.76
N PHE A 282 -15.03 2.83 12.07
CA PHE A 282 -13.93 2.52 11.17
C PHE A 282 -13.02 1.48 11.84
N PRO A 283 -13.41 0.21 11.86
CA PRO A 283 -12.59 -0.78 12.59
C PRO A 283 -11.23 -1.00 11.95
N GLN A 284 -10.27 -1.30 12.82
CA GLN A 284 -8.93 -1.64 12.40
C GLN A 284 -8.83 -3.15 12.17
N LEU A 285 -8.41 -3.54 10.98
CA LEU A 285 -8.25 -4.94 10.62
C LEU A 285 -7.00 -5.49 11.31
N GLU A 286 -7.19 -6.40 12.25
CA GLU A 286 -6.05 -6.96 12.98
C GLU A 286 -5.16 -7.80 12.07
N TRP A 287 -5.77 -8.51 11.12
CA TRP A 287 -4.96 -9.36 10.24
C TRP A 287 -4.11 -8.54 9.26
N VAL A 288 -4.39 -7.25 9.13
CA VAL A 288 -3.53 -6.39 8.31
C VAL A 288 -2.44 -5.73 9.15
N SER A 289 -2.68 -5.56 10.44
CA SER A 289 -1.68 -4.93 11.30
C SER A 289 -0.50 -5.86 11.53
N ASN A 290 -0.76 -7.17 11.69
CA ASN A 290 0.25 -8.12 12.09
C ASN A 290 0.91 -8.86 10.92
N GLY A 291 0.42 -8.67 9.70
CA GLY A 291 0.85 -9.46 8.57
C GLY A 291 1.96 -8.82 7.73
N ILE A 292 2.71 -9.69 7.04
CA ILE A 292 3.67 -9.29 6.02
C ILE A 292 3.00 -9.44 4.67
N THR A 293 3.28 -8.52 3.75
CA THR A 293 2.65 -8.49 2.43
C THR A 293 3.69 -8.68 1.34
N TYR A 294 3.30 -9.40 0.29
CA TYR A 294 4.19 -9.69 -0.84
C TYR A 294 3.41 -9.45 -2.13
N GLN A 295 3.94 -8.59 -2.99
CA GLN A 295 3.27 -8.24 -4.25
C GLN A 295 3.75 -9.13 -5.39
N ILE A 296 2.80 -9.76 -6.07
CA ILE A 296 3.07 -10.76 -7.09
C ILE A 296 2.64 -10.25 -8.45
N PHE A 297 3.60 -10.04 -9.33
CA PHE A 297 3.30 -9.83 -10.74
C PHE A 297 3.28 -11.19 -11.42
N PRO A 298 2.10 -11.77 -11.68
CA PRO A 298 2.04 -13.21 -11.95
C PRO A 298 2.81 -13.67 -13.18
N ASP A 299 2.74 -12.94 -14.30
CA ASP A 299 3.42 -13.42 -15.50
C ASP A 299 4.95 -13.39 -15.36
N ARG A 300 5.48 -12.72 -14.35
CA ARG A 300 6.93 -12.59 -14.21
C ARG A 300 7.45 -13.21 -12.92
N PHE A 301 6.61 -13.94 -12.19
CA PHE A 301 7.03 -14.48 -10.90
C PHE A 301 7.53 -15.91 -11.02
N ASN A 302 6.65 -16.86 -11.31
CA ASN A 302 7.05 -18.27 -11.43
C ASN A 302 6.13 -18.95 -12.43
N ASN A 303 6.71 -19.68 -13.36
CA ASN A 303 5.97 -20.44 -14.38
C ASN A 303 5.91 -21.89 -13.90
N GLY A 304 4.75 -22.28 -13.38
CA GLY A 304 4.53 -23.63 -12.88
C GLY A 304 3.69 -24.50 -13.79
N ASN A 305 3.35 -24.02 -14.99
CA ASN A 305 2.54 -24.78 -15.92
C ASN A 305 2.85 -24.23 -17.31
N LYS A 306 3.65 -24.98 -18.08
CA LYS A 306 4.07 -24.47 -19.37
C LYS A 306 2.99 -24.58 -20.44
N SER A 307 1.92 -25.32 -20.18
CA SER A 307 0.89 -25.60 -21.17
C SER A 307 0.07 -24.37 -21.55
N ASN A 308 -0.02 -23.38 -20.66
CA ASN A 308 -0.87 -22.22 -20.89
C ASN A 308 -0.12 -21.01 -21.43
N ASP A 309 1.19 -21.14 -21.68
CA ASP A 309 1.96 -20.01 -22.22
C ASP A 309 1.44 -19.60 -23.58
N ALA A 310 1.11 -20.57 -24.45
CA ALA A 310 0.63 -20.24 -25.78
C ALA A 310 -0.76 -19.63 -25.77
N LEU A 311 -1.51 -19.78 -24.68
CA LEU A 311 -2.89 -19.29 -24.62
C LEU A 311 -2.98 -17.77 -24.47
N ALA A 312 -1.87 -17.07 -24.69
CA ALA A 312 -1.81 -15.64 -24.51
C ALA A 312 -1.97 -14.85 -25.80
N LEU A 313 -1.73 -15.47 -26.95
CA LEU A 313 -1.59 -14.76 -28.21
C LEU A 313 -2.91 -14.56 -28.95
N ASP A 314 -3.91 -15.40 -28.71
CA ASP A 314 -5.16 -15.26 -29.45
C ASP A 314 -5.83 -13.92 -29.16
N HIS A 315 -6.04 -13.61 -27.88
CA HIS A 315 -6.75 -12.41 -27.47
C HIS A 315 -5.81 -11.27 -27.11
N ASP A 316 -4.54 -11.36 -27.49
CA ASP A 316 -3.61 -10.27 -27.23
C ASP A 316 -4.08 -9.00 -27.93
N GLU A 317 -3.81 -7.86 -27.29
CA GLU A 317 -4.32 -6.59 -27.80
C GLU A 317 -3.75 -6.27 -29.17
N LEU A 318 -2.45 -6.52 -29.38
CA LEU A 318 -1.81 -6.19 -30.65
C LEU A 318 -2.41 -6.94 -31.83
N ILE A 319 -3.12 -8.04 -31.58
CA ILE A 319 -3.78 -8.74 -32.67
C ILE A 319 -5.12 -8.10 -33.00
N LEU A 320 -5.86 -7.66 -31.98
CA LEU A 320 -7.18 -7.11 -32.19
C LEU A 320 -7.13 -5.65 -32.63
N ASN A 321 -6.04 -4.96 -32.38
CA ASN A 321 -5.98 -3.51 -32.57
C ASN A 321 -5.93 -3.19 -34.06
N GLN A 322 -6.96 -2.51 -34.57
CA GLN A 322 -6.98 -2.19 -35.99
C GLN A 322 -6.07 -1.02 -36.31
N VAL A 323 -5.92 -0.10 -35.38
CA VAL A 323 -4.94 0.98 -35.46
C VAL A 323 -3.76 0.60 -34.59
N ASN A 324 -2.54 0.80 -35.10
CA ASN A 324 -1.33 0.34 -34.43
C ASN A 324 -1.36 -1.16 -34.22
N PRO A 325 -1.37 -1.96 -35.28
CA PRO A 325 -1.36 -3.42 -35.11
C PRO A 325 0.04 -3.92 -34.81
N GLY A 326 0.11 -5.11 -34.22
CA GLY A 326 1.40 -5.66 -33.84
C GLY A 326 1.36 -7.15 -33.67
N GLN A 327 2.50 -7.68 -33.23
CA GLN A 327 2.69 -9.11 -33.04
C GLN A 327 3.29 -9.35 -31.65
N PRO A 328 2.56 -9.95 -30.72
CA PRO A 328 3.12 -10.19 -29.38
C PRO A 328 4.33 -11.13 -29.45
N ILE A 329 5.00 -11.25 -28.31
CA ILE A 329 6.25 -12.00 -28.21
C ILE A 329 6.12 -13.03 -27.11
N LEU A 330 6.41 -14.27 -27.43
CA LEU A 330 6.54 -15.34 -26.45
C LEU A 330 8.01 -15.67 -26.30
N SER A 331 8.48 -15.75 -25.05
CA SER A 331 9.92 -15.92 -24.84
C SER A 331 10.15 -16.79 -23.62
N ASN A 332 11.39 -17.25 -23.50
CA ASN A 332 11.80 -18.11 -22.40
C ASN A 332 12.02 -17.29 -21.13
N TRP A 333 12.27 -18.01 -20.04
CA TRP A 333 12.44 -17.36 -18.74
C TRP A 333 13.69 -16.48 -18.70
N SER A 334 14.75 -16.87 -19.40
CA SER A 334 16.03 -16.15 -19.33
C SER A 334 16.34 -15.40 -20.61
N ASP A 335 15.32 -15.07 -21.39
CA ASP A 335 15.54 -14.32 -22.61
C ASP A 335 15.78 -12.84 -22.32
N PRO A 336 16.43 -12.13 -23.24
CA PRO A 336 16.72 -10.71 -23.02
C PRO A 336 15.47 -9.86 -23.18
N ILE A 337 15.59 -8.60 -22.76
CA ILE A 337 14.45 -7.69 -22.68
C ILE A 337 14.21 -7.07 -24.06
N THR A 338 12.93 -6.87 -24.39
CA THR A 338 12.48 -6.34 -25.67
C THR A 338 11.60 -5.13 -25.43
N PRO A 339 11.43 -4.26 -26.45
CA PRO A 339 10.57 -3.07 -26.29
C PRO A 339 9.16 -3.36 -25.79
N LEU A 340 8.67 -4.59 -25.99
CA LEU A 340 7.36 -5.00 -25.53
C LEU A 340 7.38 -5.58 -24.12
N HIS A 341 8.45 -5.31 -23.36
CA HIS A 341 8.65 -5.98 -22.09
C HIS A 341 7.57 -5.62 -21.07
N CYS A 342 7.07 -4.39 -21.11
CA CYS A 342 6.04 -3.96 -20.16
C CYS A 342 4.73 -4.70 -20.39
N CYS A 343 4.42 -4.99 -21.64
CA CYS A 343 3.18 -5.66 -22.03
C CYS A 343 3.37 -6.16 -23.45
N HIS A 344 2.80 -7.34 -23.72
CA HIS A 344 2.85 -8.06 -25.01
C HIS A 344 4.13 -8.86 -25.20
N GLN A 345 4.99 -8.96 -24.19
CA GLN A 345 6.01 -9.99 -24.13
C GLN A 345 5.70 -10.87 -22.92
N TYR A 346 5.49 -12.16 -23.14
CA TYR A 346 5.03 -13.07 -22.12
C TYR A 346 6.11 -14.10 -21.81
N PHE A 347 6.39 -14.28 -20.52
CA PHE A 347 7.40 -15.22 -20.06
C PHE A 347 6.82 -16.49 -19.44
N GLY A 348 5.51 -16.54 -19.19
CA GLY A 348 4.92 -17.78 -18.76
C GLY A 348 4.16 -17.74 -17.44
N GLY A 349 4.73 -17.06 -16.43
CA GLY A 349 4.20 -17.02 -15.07
C GLY A 349 2.70 -17.18 -14.95
N ASP A 350 2.26 -18.05 -14.05
CA ASP A 350 0.85 -18.41 -13.95
C ASP A 350 0.49 -18.59 -12.47
N ILE A 351 -0.76 -18.97 -12.23
CA ILE A 351 -1.24 -19.16 -10.86
C ILE A 351 -0.60 -20.38 -10.21
N LYS A 352 -0.38 -21.46 -10.97
CA LYS A 352 0.27 -22.64 -10.40
C LYS A 352 1.71 -22.35 -10.02
N GLY A 353 2.30 -21.27 -10.54
CA GLY A 353 3.63 -20.86 -10.17
C GLY A 353 3.70 -20.30 -8.78
N ILE A 354 2.67 -19.55 -8.36
CA ILE A 354 2.70 -19.03 -7.00
C ILE A 354 2.25 -20.10 -6.01
N THR A 355 1.37 -21.01 -6.42
CA THR A 355 1.00 -22.12 -5.55
C THR A 355 2.23 -22.91 -5.11
N GLU A 356 3.09 -23.28 -6.05
CA GLU A 356 4.30 -24.03 -5.73
C GLU A 356 5.31 -23.24 -4.90
N LYS A 357 5.09 -21.94 -4.70
CA LYS A 357 6.03 -21.11 -3.94
C LYS A 357 5.47 -20.67 -2.60
N LEU A 358 4.37 -21.25 -2.15
CA LEU A 358 3.82 -20.91 -0.83
C LEU A 358 4.76 -21.30 0.29
N ASP A 359 5.52 -22.38 0.13
CA ASP A 359 6.49 -22.75 1.17
C ASP A 359 7.63 -21.74 1.23
N TYR A 360 7.96 -21.13 0.10
CA TYR A 360 8.98 -20.08 0.07
C TYR A 360 8.47 -18.80 0.73
N LEU A 361 7.20 -18.46 0.52
CA LEU A 361 6.69 -17.20 1.04
C LEU A 361 6.56 -17.22 2.56
N GLN A 362 6.03 -18.30 3.14
CA GLN A 362 5.92 -18.32 4.59
C GLN A 362 7.27 -18.46 5.26
N SER A 363 8.30 -18.94 4.56
CA SER A 363 9.65 -18.82 5.09
C SER A 363 10.02 -17.36 5.30
N LEU A 364 9.54 -16.48 4.42
CA LEU A 364 9.65 -15.04 4.59
C LEU A 364 8.58 -14.47 5.52
N GLY A 365 7.77 -15.30 6.15
CA GLY A 365 6.73 -14.81 7.03
C GLY A 365 5.52 -14.24 6.34
N VAL A 366 5.48 -14.30 5.00
CA VAL A 366 4.43 -13.65 4.24
C VAL A 366 3.06 -14.18 4.68
N THR A 367 2.20 -13.27 5.14
CA THR A 367 0.84 -13.57 5.56
C THR A 367 -0.21 -13.02 4.61
N ILE A 368 0.13 -12.00 3.84
CA ILE A 368 -0.78 -11.40 2.87
C ILE A 368 -0.10 -11.40 1.51
N ILE A 369 -0.87 -11.64 0.46
CA ILE A 369 -0.38 -11.65 -0.90
C ILE A 369 -1.25 -10.70 -1.72
N TYR A 370 -0.62 -9.80 -2.46
CA TYR A 370 -1.30 -8.91 -3.37
C TYR A 370 -0.98 -9.40 -4.78
N ILE A 371 -1.99 -9.89 -5.48
CA ILE A 371 -1.81 -10.45 -6.82
C ILE A 371 -2.28 -9.41 -7.83
N ASN A 372 -1.54 -9.29 -8.92
CA ASN A 372 -1.89 -8.34 -9.95
C ASN A 372 -3.11 -8.87 -10.71
N PRO A 373 -3.63 -8.13 -11.70
CA PRO A 373 -4.84 -8.60 -12.40
C PRO A 373 -4.61 -9.95 -13.07
N ILE A 374 -5.63 -10.80 -12.98
CA ILE A 374 -5.59 -12.15 -13.55
C ILE A 374 -6.78 -12.46 -14.44
N PHE A 375 -7.76 -11.56 -14.52
CA PHE A 375 -8.94 -11.81 -15.34
C PHE A 375 -8.57 -11.82 -16.82
N LEU A 376 -9.56 -12.09 -17.68
CA LEU A 376 -9.34 -12.15 -19.11
C LEU A 376 -8.89 -10.80 -19.66
N SER A 377 -7.63 -10.72 -20.09
CA SER A 377 -7.03 -9.45 -20.53
C SER A 377 -6.03 -9.72 -21.64
N GLY A 378 -5.77 -8.69 -22.44
CA GLY A 378 -4.88 -8.83 -23.58
C GLY A 378 -3.48 -8.27 -23.41
N SER A 379 -2.98 -8.25 -22.17
CA SER A 379 -1.70 -7.64 -21.85
C SER A 379 -0.91 -8.58 -20.94
N ALA A 380 0.34 -8.22 -20.68
CA ALA A 380 1.12 -8.97 -19.70
C ALA A 380 0.81 -8.50 -18.29
N HIS A 381 0.47 -7.22 -18.12
CA HIS A 381 0.08 -6.70 -16.82
C HIS A 381 -1.37 -7.02 -16.49
N GLY A 382 -2.26 -6.94 -17.48
CA GLY A 382 -3.64 -7.32 -17.30
C GLY A 382 -4.61 -6.21 -16.93
N TYR A 383 -4.28 -4.95 -17.22
CA TYR A 383 -5.14 -3.84 -16.85
C TYR A 383 -6.13 -3.46 -17.94
N ASP A 384 -6.26 -4.28 -18.99
CA ASP A 384 -7.27 -4.13 -20.03
C ASP A 384 -8.22 -5.32 -19.95
N THR A 385 -9.11 -5.32 -18.96
CA THR A 385 -9.96 -6.47 -18.71
C THR A 385 -10.94 -6.68 -19.85
N TYR A 386 -11.07 -7.94 -20.30
CA TYR A 386 -12.09 -8.25 -21.29
C TYR A 386 -13.37 -8.76 -20.65
N ASP A 387 -13.23 -9.64 -19.66
CA ASP A 387 -14.37 -10.16 -18.90
C ASP A 387 -13.93 -10.23 -17.44
N TYR A 388 -14.58 -9.44 -16.59
CA TYR A 388 -14.28 -9.44 -15.17
C TYR A 388 -14.73 -10.73 -14.48
N TYR A 389 -15.49 -11.59 -15.16
CA TYR A 389 -16.01 -12.81 -14.56
C TYR A 389 -15.26 -14.07 -14.95
N ARG A 390 -14.34 -13.98 -15.90
CA ARG A 390 -13.63 -15.16 -16.38
C ARG A 390 -12.15 -15.00 -16.09
N LEU A 391 -11.54 -16.05 -15.54
CA LEU A 391 -10.10 -16.06 -15.37
C LEU A 391 -9.43 -16.13 -16.74
N ASP A 392 -8.25 -15.51 -16.85
CA ASP A 392 -7.53 -15.55 -18.13
C ASP A 392 -6.79 -16.87 -18.25
N PRO A 393 -6.92 -17.57 -19.38
CA PRO A 393 -6.18 -18.83 -19.55
C PRO A 393 -4.66 -18.65 -19.55
N LYS A 394 -4.14 -17.43 -19.64
CA LYS A 394 -2.69 -17.23 -19.51
C LYS A 394 -2.18 -17.73 -18.18
N PHE A 395 -2.93 -17.47 -17.10
CA PHE A 395 -2.49 -17.76 -15.75
C PHE A 395 -3.10 -19.02 -15.17
N GLY A 396 -4.19 -19.55 -15.75
CA GLY A 396 -4.72 -20.81 -15.28
C GLY A 396 -6.23 -20.96 -15.33
N THR A 397 -6.71 -22.12 -14.93
CA THR A 397 -8.14 -22.37 -14.86
C THR A 397 -8.67 -21.94 -13.49
N GLU A 398 -10.00 -21.99 -13.32
CA GLU A 398 -10.56 -21.67 -12.03
C GLU A 398 -10.14 -22.70 -10.98
N ASP A 399 -9.92 -23.95 -11.38
CA ASP A 399 -9.54 -24.98 -10.42
C ASP A 399 -8.10 -24.81 -9.95
N GLU A 400 -7.20 -24.34 -10.82
CA GLU A 400 -5.86 -23.99 -10.35
C GLU A 400 -5.91 -22.82 -9.37
N LEU A 401 -6.81 -21.86 -9.59
CA LEU A 401 -6.89 -20.73 -8.66
C LEU A 401 -7.53 -21.14 -7.34
N ARG A 402 -8.61 -21.92 -7.42
CA ARG A 402 -9.22 -22.48 -6.21
C ARG A 402 -8.21 -23.26 -5.39
N GLU A 403 -7.30 -23.99 -6.05
CA GLU A 403 -6.21 -24.67 -5.35
C GLU A 403 -5.23 -23.68 -4.76
N PHE A 404 -5.02 -22.54 -5.43
CA PHE A 404 -4.13 -21.53 -4.90
C PHE A 404 -4.72 -20.87 -3.66
N LEU A 405 -5.97 -20.43 -3.75
CA LEU A 405 -6.62 -19.79 -2.60
C LEU A 405 -6.69 -20.74 -1.41
N ASP A 406 -7.07 -22.00 -1.64
CA ASP A 406 -7.24 -22.92 -0.53
C ASP A 406 -5.91 -23.29 0.11
N GLU A 407 -4.87 -23.49 -0.69
CA GLU A 407 -3.58 -23.84 -0.11
C GLU A 407 -2.98 -22.66 0.65
N ALA A 408 -3.25 -21.43 0.23
CA ALA A 408 -2.79 -20.27 0.97
C ALA A 408 -3.58 -20.08 2.26
N HIS A 409 -4.86 -20.42 2.26
CA HIS A 409 -5.69 -20.24 3.44
C HIS A 409 -5.25 -21.14 4.57
N ARG A 410 -5.02 -22.44 4.29
CA ARG A 410 -4.64 -23.35 5.36
C ARG A 410 -3.24 -23.05 5.89
N ARG A 411 -2.42 -22.33 5.12
CA ARG A 411 -1.17 -21.80 5.62
C ARG A 411 -1.35 -20.47 6.37
N GLY A 412 -2.59 -20.04 6.56
CA GLY A 412 -2.85 -18.80 7.26
C GLY A 412 -2.47 -17.56 6.48
N MET A 413 -2.80 -17.53 5.19
CA MET A 413 -2.50 -16.39 4.33
C MET A 413 -3.79 -15.87 3.72
N ARG A 414 -3.79 -14.58 3.38
CA ARG A 414 -4.90 -13.95 2.68
C ARG A 414 -4.40 -13.41 1.35
N VAL A 415 -5.29 -13.34 0.37
CA VAL A 415 -4.96 -12.88 -0.98
C VAL A 415 -5.86 -11.72 -1.35
N ILE A 416 -5.26 -10.63 -1.83
CA ILE A 416 -5.97 -9.48 -2.35
C ILE A 416 -5.79 -9.44 -3.86
N PHE A 417 -6.89 -9.28 -4.59
CA PHE A 417 -6.85 -9.23 -6.04
C PHE A 417 -6.99 -7.79 -6.53
N ASP A 418 -6.56 -7.57 -7.77
CA ASP A 418 -6.55 -6.24 -8.37
C ASP A 418 -7.82 -6.01 -9.17
N PHE A 419 -8.46 -4.87 -8.95
CA PHE A 419 -9.75 -4.53 -9.54
C PHE A 419 -9.60 -3.27 -10.38
N VAL A 420 -9.98 -3.36 -11.65
CA VAL A 420 -9.77 -2.29 -12.62
C VAL A 420 -11.13 -1.82 -13.13
N PRO A 421 -11.86 -1.00 -12.35
CA PRO A 421 -13.22 -0.63 -12.76
C PRO A 421 -13.27 0.51 -13.75
N ASN A 422 -12.24 1.36 -13.79
CA ASN A 422 -12.32 2.60 -14.55
C ASN A 422 -12.34 2.34 -16.06
N HIS A 423 -11.60 1.34 -16.52
CA HIS A 423 -11.43 1.12 -17.95
C HIS A 423 -11.24 -0.36 -18.21
N CYS A 424 -11.60 -0.78 -19.43
CA CYS A 424 -11.42 -2.17 -19.84
C CYS A 424 -10.50 -2.22 -21.06
N GLY A 425 -10.53 -3.32 -21.81
CA GLY A 425 -9.76 -3.46 -23.02
C GLY A 425 -10.65 -3.48 -24.26
N ILE A 426 -9.98 -3.48 -25.42
CA ILE A 426 -10.70 -3.48 -26.69
C ILE A 426 -11.29 -4.84 -27.03
N GLY A 427 -10.92 -5.90 -26.32
CA GLY A 427 -11.52 -7.20 -26.51
C GLY A 427 -12.73 -7.48 -25.64
N ASN A 428 -13.10 -6.54 -24.77
CA ASN A 428 -14.29 -6.68 -23.93
C ASN A 428 -15.53 -6.82 -24.79
N PRO A 429 -16.30 -7.91 -24.65
CA PRO A 429 -17.45 -8.10 -25.56
C PRO A 429 -18.44 -6.96 -25.54
N ALA A 430 -18.68 -6.34 -24.38
CA ALA A 430 -19.56 -5.16 -24.34
C ALA A 430 -19.02 -4.04 -25.21
N PHE A 431 -17.70 -3.87 -25.26
CA PHE A 431 -17.12 -2.88 -26.15
C PHE A 431 -17.18 -3.33 -27.60
N LEU A 432 -16.96 -4.62 -27.86
CA LEU A 432 -17.08 -5.09 -29.24
C LEU A 432 -18.52 -5.02 -29.73
N ASP A 433 -19.49 -5.17 -28.84
CA ASP A 433 -20.88 -4.96 -29.24
C ASP A 433 -21.07 -3.54 -29.77
N VAL A 434 -20.52 -2.55 -29.07
CA VAL A 434 -20.59 -1.16 -29.54
C VAL A 434 -19.79 -0.96 -30.82
N TRP A 435 -18.78 -1.81 -31.05
CA TRP A 435 -17.89 -1.68 -32.20
C TRP A 435 -18.65 -1.74 -33.51
N GLU A 436 -19.45 -2.78 -33.71
CA GLU A 436 -20.23 -2.86 -34.94
C GLU A 436 -21.73 -2.86 -34.64
N LYS A 437 -22.20 -1.82 -33.95
CA LYS A 437 -23.63 -1.62 -33.74
C LYS A 437 -23.92 -0.15 -33.47
N GLY A 438 -23.03 0.52 -32.74
CA GLY A 438 -23.24 1.92 -32.43
C GLY A 438 -24.42 2.12 -31.52
N ASN A 439 -25.39 2.92 -31.96
CA ASN A 439 -26.58 3.17 -31.15
C ASN A 439 -27.51 1.98 -31.07
N GLU A 440 -27.28 0.93 -31.85
CA GLU A 440 -28.03 -0.30 -31.69
C GLU A 440 -27.60 -1.06 -30.44
N SER A 441 -26.39 -0.87 -29.96
CA SER A 441 -25.87 -1.66 -28.86
C SER A 441 -26.49 -1.18 -27.55
N PRO A 442 -27.01 -2.08 -26.71
CA PRO A 442 -27.46 -1.64 -25.38
C PRO A 442 -26.32 -1.16 -24.50
N TYR A 443 -25.09 -1.50 -24.82
CA TYR A 443 -23.92 -1.11 -24.04
C TYR A 443 -23.33 0.21 -24.51
N TRP A 444 -24.05 0.95 -25.37
CA TRP A 444 -23.59 2.26 -25.82
C TRP A 444 -23.50 3.24 -24.66
N ASP A 445 -24.42 3.15 -23.71
CA ASP A 445 -24.36 4.02 -22.54
C ASP A 445 -23.15 3.73 -21.66
N TRP A 446 -22.50 2.58 -21.84
CA TRP A 446 -21.39 2.21 -20.97
C TRP A 446 -20.10 2.93 -21.32
N PHE A 447 -20.00 3.56 -22.48
CA PHE A 447 -18.77 4.13 -22.97
C PHE A 447 -19.01 5.56 -23.44
N PHE A 448 -17.94 6.21 -23.86
CA PHE A 448 -18.01 7.60 -24.33
C PHE A 448 -17.47 7.62 -25.77
N VAL A 449 -18.30 7.17 -26.70
CA VAL A 449 -17.92 7.12 -28.10
C VAL A 449 -18.08 8.51 -28.71
N LYS A 450 -17.01 9.03 -29.30
CA LYS A 450 -17.02 10.33 -29.98
C LYS A 450 -17.40 10.18 -31.45
N LYS A 451 -16.73 9.28 -32.17
CA LYS A 451 -16.99 9.04 -33.58
C LYS A 451 -17.36 7.58 -33.81
N TRP A 452 -18.39 7.37 -34.64
CA TRP A 452 -18.83 6.03 -34.99
C TRP A 452 -19.28 6.06 -36.45
N PRO A 453 -18.87 5.08 -37.27
CA PRO A 453 -18.06 3.92 -36.90
C PRO A 453 -16.60 4.26 -36.66
N PHE A 454 -15.91 3.37 -35.93
CA PHE A 454 -14.52 3.57 -35.57
C PHE A 454 -13.77 2.25 -35.67
N LYS A 455 -12.47 2.36 -35.86
CA LYS A 455 -11.56 1.21 -35.85
C LYS A 455 -10.97 1.05 -34.46
N LEU A 456 -10.96 -0.18 -33.96
CA LEU A 456 -10.51 -0.46 -32.60
C LEU A 456 -9.11 0.09 -32.36
N GLY A 457 -8.96 0.82 -31.25
CA GLY A 457 -7.68 1.39 -30.87
C GLY A 457 -7.52 2.86 -31.17
N ASP A 458 -8.50 3.51 -31.81
CA ASP A 458 -8.43 4.93 -32.14
C ASP A 458 -8.79 5.76 -30.90
N GLY A 459 -7.77 6.33 -30.26
CA GLY A 459 -7.99 7.15 -29.08
C GLY A 459 -8.86 8.37 -29.33
N SER A 460 -8.87 8.88 -30.56
CA SER A 460 -9.70 10.02 -30.92
C SER A 460 -11.17 9.66 -31.11
N ALA A 461 -11.50 8.38 -31.20
CA ALA A 461 -12.87 7.97 -31.47
C ALA A 461 -13.67 7.70 -30.21
N TYR A 462 -13.01 7.42 -29.09
CA TYR A 462 -13.70 7.20 -27.82
C TYR A 462 -12.75 7.59 -26.69
N VAL A 463 -13.34 7.97 -25.55
CA VAL A 463 -12.53 8.35 -24.41
C VAL A 463 -11.83 7.13 -23.83
N GLY A 464 -10.52 7.22 -23.66
CA GLY A 464 -9.74 6.19 -23.01
C GLY A 464 -8.97 6.75 -21.84
N TRP A 465 -8.25 5.85 -21.15
CA TRP A 465 -7.40 6.25 -20.05
C TRP A 465 -6.16 6.93 -20.60
N TRP A 466 -5.99 8.21 -20.28
CA TRP A 466 -4.92 9.06 -20.83
C TRP A 466 -4.96 9.09 -22.35
N GLY A 467 -6.18 9.11 -22.91
CA GLY A 467 -6.36 9.15 -24.34
C GLY A 467 -5.97 7.90 -25.10
N PHE A 468 -5.60 6.83 -24.40
CA PHE A 468 -5.11 5.61 -25.05
C PHE A 468 -6.28 4.80 -25.57
N GLY A 469 -6.29 4.52 -26.88
CA GLY A 469 -7.34 3.69 -27.45
C GLY A 469 -7.32 2.25 -26.98
N SER A 470 -6.24 1.84 -26.32
CA SER A 470 -6.10 0.50 -25.77
C SER A 470 -6.98 0.26 -24.55
N LEU A 471 -7.33 1.33 -23.82
CA LEU A 471 -8.02 1.21 -22.54
C LEU A 471 -9.25 2.10 -22.54
N PRO A 472 -10.32 1.71 -23.25
CA PRO A 472 -11.53 2.54 -23.29
C PRO A 472 -12.10 2.74 -21.90
N LYS A 473 -12.42 4.01 -21.59
CA LYS A 473 -12.90 4.38 -20.27
C LYS A 473 -14.34 3.93 -20.06
N LEU A 474 -14.57 3.20 -18.97
CA LEU A 474 -15.91 2.76 -18.63
C LEU A 474 -16.68 3.89 -17.94
N ASN A 475 -17.98 3.95 -18.24
CA ASN A 475 -18.88 4.97 -17.70
C ASN A 475 -19.32 4.53 -16.31
N THR A 476 -18.41 4.66 -15.35
CA THR A 476 -18.70 4.28 -13.98
C THR A 476 -19.86 5.08 -13.38
N ALA A 477 -20.16 6.25 -13.93
CA ALA A 477 -21.32 7.00 -13.47
C ALA A 477 -22.63 6.36 -13.90
N ASN A 478 -22.60 5.46 -14.89
CA ASN A 478 -23.79 4.74 -15.30
C ASN A 478 -24.17 3.72 -14.24
N GLN A 479 -25.48 3.58 -14.01
CA GLN A 479 -25.94 2.62 -13.01
C GLN A 479 -25.76 1.18 -13.49
N GLU A 480 -25.97 0.92 -14.79
CA GLU A 480 -25.73 -0.42 -15.32
C GLU A 480 -24.27 -0.81 -15.18
N VAL A 481 -23.35 0.12 -15.45
CA VAL A 481 -21.93 -0.21 -15.34
C VAL A 481 -21.55 -0.44 -13.89
N ARG A 482 -22.04 0.41 -12.99
CA ARG A 482 -21.64 0.32 -11.58
C ARG A 482 -22.00 -1.04 -11.00
N GLU A 483 -23.27 -1.45 -11.13
CA GLU A 483 -23.70 -2.70 -10.52
C GLU A 483 -23.02 -3.91 -11.15
N TYR A 484 -22.72 -3.84 -12.45
CA TYR A 484 -21.97 -4.93 -13.09
C TYR A 484 -20.58 -5.06 -12.48
N LEU A 485 -19.88 -3.95 -12.29
CA LEU A 485 -18.54 -4.02 -11.72
C LEU A 485 -18.59 -4.41 -10.25
N ILE A 486 -19.52 -3.86 -9.49
CA ILE A 486 -19.68 -4.29 -8.10
C ILE A 486 -20.04 -5.78 -8.05
N GLY A 487 -20.87 -6.23 -9.01
CA GLY A 487 -21.21 -7.64 -9.06
C GLY A 487 -20.02 -8.54 -9.34
N ALA A 488 -19.07 -8.06 -10.15
CA ALA A 488 -17.86 -8.82 -10.40
C ALA A 488 -16.97 -8.89 -9.16
N ALA A 489 -16.88 -7.80 -8.40
CA ALA A 489 -16.06 -7.79 -7.21
C ALA A 489 -16.60 -8.75 -6.15
N LEU A 490 -17.93 -8.74 -5.95
CA LEU A 490 -18.55 -9.64 -4.98
C LEU A 490 -18.41 -11.09 -5.40
N HIS A 491 -18.41 -11.37 -6.71
CA HIS A 491 -18.21 -12.72 -7.20
C HIS A 491 -16.87 -13.28 -6.75
N TRP A 492 -15.80 -12.49 -6.94
CA TRP A 492 -14.45 -12.93 -6.57
C TRP A 492 -14.18 -12.81 -5.07
N ILE A 493 -14.93 -11.98 -4.35
CA ILE A 493 -14.87 -12.07 -2.89
C ILE A 493 -15.52 -13.36 -2.42
N GLU A 494 -16.72 -13.65 -2.95
CA GLU A 494 -17.39 -14.91 -2.69
C GLU A 494 -16.54 -16.10 -3.12
N PHE A 495 -15.70 -15.94 -4.14
CA PHE A 495 -14.92 -17.05 -4.66
C PHE A 495 -13.86 -17.50 -3.66
N GLY A 496 -13.26 -16.55 -2.93
CA GLY A 496 -12.28 -16.88 -1.92
C GLY A 496 -11.38 -15.73 -1.49
N PHE A 497 -11.26 -14.72 -2.35
CA PHE A 497 -10.39 -13.59 -2.06
C PHE A 497 -10.82 -12.88 -0.78
N ASP A 498 -9.83 -12.36 -0.05
CA ASP A 498 -10.04 -11.76 1.26
C ASP A 498 -9.95 -10.24 1.23
N GLY A 499 -9.92 -9.64 0.05
CA GLY A 499 -9.73 -8.21 -0.06
C GLY A 499 -9.59 -7.81 -1.52
N ILE A 500 -9.68 -6.50 -1.76
CA ILE A 500 -9.65 -5.95 -3.12
C ILE A 500 -8.65 -4.81 -3.16
N ARG A 501 -8.00 -4.65 -4.32
CA ARG A 501 -7.17 -3.50 -4.62
C ARG A 501 -7.75 -2.82 -5.85
N VAL A 502 -7.96 -1.51 -5.78
CA VAL A 502 -8.67 -0.77 -6.82
C VAL A 502 -7.68 0.05 -7.63
N ASP A 503 -7.62 -0.21 -8.93
CA ASP A 503 -6.80 0.57 -9.85
C ASP A 503 -7.43 1.93 -10.10
N VAL A 504 -6.58 2.96 -10.14
CA VAL A 504 -6.90 4.38 -10.34
C VAL A 504 -8.28 4.76 -9.82
N PRO A 505 -8.47 4.86 -8.50
CA PRO A 505 -9.79 5.27 -8.00
C PRO A 505 -10.09 6.73 -8.26
N ASN A 506 -9.06 7.57 -8.39
CA ASN A 506 -9.26 9.00 -8.60
C ASN A 506 -9.83 9.32 -9.97
N GLU A 507 -9.87 8.35 -10.88
CA GLU A 507 -10.42 8.53 -12.21
C GLU A 507 -11.81 7.91 -12.36
N VAL A 508 -12.33 7.31 -11.30
CA VAL A 508 -13.65 6.70 -11.34
C VAL A 508 -14.70 7.78 -11.16
N LEU A 509 -15.65 7.87 -12.08
CA LEU A 509 -16.74 8.83 -12.01
C LEU A 509 -17.62 8.58 -10.79
N ASP A 510 -18.11 9.68 -10.21
CA ASP A 510 -18.95 9.70 -9.02
C ASP A 510 -18.37 8.87 -7.89
N PRO A 511 -17.22 9.27 -7.32
CA PRO A 511 -16.64 8.48 -6.23
C PRO A 511 -17.43 8.54 -4.95
N GLY A 512 -18.35 9.51 -4.79
CA GLY A 512 -19.19 9.55 -3.61
C GLY A 512 -20.36 8.59 -3.64
N THR A 513 -20.65 7.99 -4.81
CA THR A 513 -21.71 7.00 -4.93
C THR A 513 -21.21 5.66 -5.44
N PHE A 514 -19.93 5.53 -5.75
CA PHE A 514 -19.39 4.28 -6.28
C PHE A 514 -18.68 3.48 -5.19
N PHE A 515 -17.71 4.09 -4.53
CA PHE A 515 -16.93 3.42 -3.51
C PHE A 515 -17.73 3.24 -2.22
N PRO A 516 -18.56 4.19 -1.79
CA PRO A 516 -19.45 3.88 -0.66
C PRO A 516 -20.33 2.66 -0.91
N GLU A 517 -20.83 2.49 -2.14
CA GLU A 517 -21.62 1.30 -2.44
C GLU A 517 -20.73 0.07 -2.61
N LEU A 518 -19.54 0.26 -3.19
CA LEU A 518 -18.57 -0.82 -3.27
C LEU A 518 -18.20 -1.33 -1.89
N ARG A 519 -17.84 -0.41 -0.99
CA ARG A 519 -17.46 -0.80 0.36
C ARG A 519 -18.63 -1.45 1.10
N LYS A 520 -19.83 -0.90 0.95
CA LYS A 520 -21.00 -1.45 1.62
C LYS A 520 -21.31 -2.86 1.12
N ALA A 521 -21.10 -3.12 -0.17
CA ALA A 521 -21.40 -4.44 -0.71
C ALA A 521 -20.35 -5.46 -0.29
N VAL A 522 -19.08 -5.06 -0.26
CA VAL A 522 -18.02 -5.99 0.08
C VAL A 522 -17.98 -6.25 1.59
N LYS A 523 -18.27 -5.23 2.40
CA LYS A 523 -18.23 -5.41 3.85
C LYS A 523 -19.36 -6.31 4.34
N GLU A 524 -20.48 -6.36 3.62
CA GLU A 524 -21.54 -7.28 4.02
C GLU A 524 -21.15 -8.73 3.76
N LYS A 525 -20.62 -9.02 2.57
CA LYS A 525 -20.29 -10.39 2.22
C LYS A 525 -19.12 -10.92 3.04
N LYS A 526 -18.17 -10.05 3.36
CA LYS A 526 -17.01 -10.42 4.17
C LYS A 526 -16.59 -9.19 4.97
N PRO A 527 -17.05 -9.06 6.22
CA PRO A 527 -16.68 -7.88 7.02
C PRO A 527 -15.20 -7.80 7.34
N ASP A 528 -14.42 -8.84 7.10
CA ASP A 528 -12.99 -8.83 7.37
C ASP A 528 -12.18 -8.45 6.14
N ALA A 529 -12.82 -7.91 5.10
CA ALA A 529 -12.19 -7.64 3.84
C ALA A 529 -11.28 -6.41 3.92
N TYR A 530 -10.27 -6.40 3.06
CA TYR A 530 -9.30 -5.31 2.99
C TYR A 530 -9.53 -4.53 1.71
N LEU A 531 -9.83 -3.23 1.84
CA LEU A 531 -10.05 -2.35 0.70
C LEU A 531 -8.89 -1.37 0.61
N VAL A 532 -8.06 -1.51 -0.42
CA VAL A 532 -6.88 -0.67 -0.61
C VAL A 532 -6.96 -0.03 -1.99
N GLY A 533 -6.81 1.29 -2.04
CA GLY A 533 -6.90 2.04 -3.29
C GLY A 533 -5.55 2.59 -3.73
N GLU A 534 -5.37 2.70 -5.05
CA GLU A 534 -4.13 3.20 -5.65
C GLU A 534 -4.19 4.73 -5.76
N ILE A 535 -3.82 5.40 -4.67
CA ILE A 535 -3.64 6.85 -4.65
C ILE A 535 -2.19 7.10 -4.24
N TRP A 536 -1.40 7.62 -5.18
CA TRP A 536 0.03 7.80 -4.93
C TRP A 536 0.35 8.98 -4.04
N THR A 537 -0.67 9.68 -3.52
CA THR A 537 -0.49 10.91 -2.77
C THR A 537 -1.02 10.78 -1.35
N LEU A 538 -0.66 11.75 -0.52
CA LEU A 538 -1.16 11.88 0.83
C LEU A 538 -2.53 12.55 0.77
N SER A 539 -3.59 11.75 0.70
CA SER A 539 -4.95 12.26 0.57
C SER A 539 -5.89 11.60 1.58
N PRO A 540 -6.18 12.26 2.71
CA PRO A 540 -7.02 11.61 3.73
C PRO A 540 -8.47 11.40 3.32
N GLU A 541 -8.97 12.10 2.30
CA GLU A 541 -10.37 11.97 1.93
C GLU A 541 -10.73 10.56 1.45
N TRP A 542 -9.74 9.75 1.10
CA TRP A 542 -9.99 8.37 0.69
C TRP A 542 -10.00 7.39 1.85
N VAL A 543 -9.60 7.82 3.05
CA VAL A 543 -9.57 6.94 4.22
C VAL A 543 -10.34 7.59 5.36
N LYS A 544 -11.56 8.04 5.08
CA LYS A 544 -12.40 8.64 6.11
C LYS A 544 -13.39 7.66 6.72
N GLY A 545 -13.44 6.42 6.24
CA GLY A 545 -14.34 5.42 6.77
C GLY A 545 -15.48 5.01 5.86
N ASP A 546 -15.65 5.67 4.70
CA ASP A 546 -16.73 5.37 3.78
C ASP A 546 -16.26 4.85 2.43
N ARG A 547 -14.95 4.81 2.18
CA ARG A 547 -14.48 4.36 0.88
C ARG A 547 -13.46 3.23 1.04
N PHE A 548 -12.22 3.58 1.37
CA PHE A 548 -11.16 2.59 1.47
C PHE A 548 -10.70 2.42 2.91
N ASP A 549 -10.15 1.23 3.19
CA ASP A 549 -9.54 0.99 4.49
C ASP A 549 -8.12 1.53 4.53
N SER A 550 -7.42 1.56 3.40
CA SER A 550 -6.08 2.11 3.35
C SER A 550 -5.77 2.47 1.91
N LEU A 551 -4.75 3.31 1.74
CA LEU A 551 -4.23 3.64 0.43
C LEU A 551 -2.93 2.90 0.19
N MET A 552 -2.61 2.68 -1.09
CA MET A 552 -1.26 2.27 -1.42
C MET A 552 -0.32 3.41 -1.03
N ASN A 553 0.29 3.28 0.16
CA ASN A 553 0.99 4.39 0.81
C ASN A 553 2.31 4.76 0.15
N TYR A 554 2.29 5.05 -1.15
CA TYR A 554 3.49 5.59 -1.79
C TYR A 554 3.95 6.88 -1.12
N ALA A 555 3.01 7.66 -0.59
CA ALA A 555 3.36 8.91 0.09
C ALA A 555 4.24 8.70 1.30
N LEU A 556 4.31 7.48 1.85
CA LEU A 556 5.16 7.15 2.99
C LEU A 556 6.43 6.44 2.58
N GLY A 557 6.30 5.31 1.88
CA GLY A 557 7.46 4.48 1.60
C GLY A 557 8.32 4.99 0.46
N ARG A 558 7.70 5.34 -0.65
CA ARG A 558 8.47 5.86 -1.78
C ARG A 558 8.73 7.36 -1.65
N ASP A 559 7.71 8.10 -1.25
CA ASP A 559 7.81 9.56 -1.25
C ASP A 559 8.85 10.07 -0.25
N ILE A 560 8.85 9.52 0.97
CA ILE A 560 9.68 10.07 2.04
C ILE A 560 10.67 9.04 2.57
N LEU A 561 10.29 7.77 2.59
CA LEU A 561 11.20 6.78 3.16
C LEU A 561 12.30 6.38 2.20
N LEU A 562 11.98 6.26 0.90
CA LEU A 562 13.00 5.95 -0.10
C LEU A 562 14.03 7.07 -0.22
N ASN A 563 13.56 8.32 -0.25
CA ASN A 563 14.46 9.47 -0.33
C ASN A 563 15.38 9.53 0.89
N TYR A 564 14.86 9.21 2.08
CA TYR A 564 15.71 9.23 3.26
C TYR A 564 16.79 8.17 3.17
N ALA A 565 16.40 6.94 2.83
CA ALA A 565 17.37 5.85 2.75
C ALA A 565 18.42 6.09 1.67
N LYS A 566 18.17 7.04 0.76
CA LYS A 566 19.15 7.35 -0.28
C LYS A 566 20.33 8.18 0.22
N GLY A 567 20.28 8.66 1.46
CA GLY A 567 21.31 9.54 1.97
C GLY A 567 21.15 10.98 1.59
N LEU A 568 20.00 11.37 1.03
CA LEU A 568 19.78 12.70 0.50
C LEU A 568 18.94 13.58 1.42
N LEU A 569 17.85 13.06 1.97
CA LEU A 569 17.06 13.79 2.96
C LEU A 569 17.68 13.66 4.33
N SER A 570 17.76 14.77 5.05
CA SER A 570 18.21 14.75 6.43
C SER A 570 17.15 14.11 7.33
N GLY A 571 17.52 13.90 8.59
CA GLY A 571 16.55 13.42 9.56
C GLY A 571 15.46 14.44 9.84
N GLU A 572 15.84 15.72 9.96
CA GLU A 572 14.87 16.78 10.22
C GLU A 572 13.80 16.85 9.13
N SER A 573 14.24 16.89 7.87
CA SER A 573 13.30 16.95 6.76
C SER A 573 12.51 15.66 6.64
N ALA A 574 13.14 14.51 6.87
CA ALA A 574 12.40 13.26 6.80
C ALA A 574 11.29 13.21 7.84
N MET A 575 11.63 13.42 9.12
CA MET A 575 10.62 13.36 10.17
C MET A 575 9.51 14.38 9.95
N LYS A 576 9.87 15.58 9.47
CA LYS A 576 8.86 16.59 9.20
C LYS A 576 7.87 16.11 8.14
N MET A 577 8.32 15.27 7.21
CA MET A 577 7.41 14.72 6.22
C MET A 577 6.57 13.59 6.82
N MET A 578 7.20 12.75 7.66
CA MET A 578 6.45 11.73 8.40
C MET A 578 5.41 12.36 9.32
N GLY A 579 5.75 13.49 9.94
CA GLY A 579 4.80 14.17 10.80
C GLY A 579 3.53 14.57 10.08
N ARG A 580 3.64 15.00 8.82
CA ARG A 580 2.46 15.31 8.03
C ARG A 580 1.64 14.05 7.75
N TYR A 581 2.33 12.95 7.43
CA TYR A 581 1.64 11.69 7.14
C TYR A 581 0.85 11.22 8.35
N TYR A 582 1.51 11.06 9.49
CA TYR A 582 0.88 10.45 10.65
C TYR A 582 -0.13 11.36 11.34
N ALA A 583 -0.07 12.67 11.12
CA ALA A 583 -1.06 13.58 11.70
C ALA A 583 -2.30 13.72 10.84
N SER A 584 -2.21 13.35 9.56
CA SER A 584 -3.33 13.48 8.62
C SER A 584 -4.19 12.22 8.52
N TYR A 585 -3.64 11.05 8.87
CA TYR A 585 -4.38 9.80 8.84
C TYR A 585 -4.74 9.37 10.26
N GLY A 586 -5.96 8.86 10.42
CA GLY A 586 -6.32 8.26 11.69
C GLY A 586 -5.34 7.16 12.07
N GLU A 587 -5.13 7.00 13.38
CA GLU A 587 -4.18 5.98 13.82
C GLU A 587 -4.63 4.58 13.41
N ASN A 588 -5.95 4.36 13.32
CA ASN A 588 -6.44 3.06 12.87
C ASN A 588 -6.13 2.82 11.40
N VAL A 589 -6.16 3.89 10.59
CA VAL A 589 -5.77 3.76 9.19
C VAL A 589 -4.29 3.46 9.06
N VAL A 590 -3.48 4.16 9.85
CA VAL A 590 -2.04 3.96 9.81
C VAL A 590 -1.69 2.53 10.23
N ALA A 591 -2.42 1.99 11.21
CA ALA A 591 -2.14 0.65 11.72
C ALA A 591 -2.45 -0.46 10.71
N MET A 592 -3.27 -0.17 9.70
CA MET A 592 -3.56 -1.13 8.64
C MET A 592 -3.13 -0.57 7.28
N GLY A 593 -2.04 0.19 7.28
CA GLY A 593 -1.59 0.82 6.06
C GLY A 593 -0.88 -0.16 5.15
N PHE A 594 -1.16 -0.05 3.87
CA PHE A 594 -0.49 -0.82 2.83
C PHE A 594 0.83 -0.10 2.53
N ASN A 595 1.89 -0.47 3.26
CA ASN A 595 3.14 0.29 3.26
C ASN A 595 4.12 -0.31 2.26
N LEU A 596 4.07 0.18 1.02
CA LEU A 596 4.96 -0.26 -0.04
C LEU A 596 5.93 0.85 -0.43
N VAL A 597 7.05 0.44 -1.00
CA VAL A 597 8.08 1.36 -1.47
C VAL A 597 8.21 1.33 -2.99
N ASP A 598 8.12 0.15 -3.60
CA ASP A 598 8.09 0.02 -5.05
C ASP A 598 6.99 -0.98 -5.43
N SER A 599 6.79 -1.13 -6.74
CA SER A 599 5.76 -2.02 -7.25
C SER A 599 6.04 -2.35 -8.71
N HIS A 600 5.00 -2.78 -9.44
CA HIS A 600 5.07 -3.06 -10.86
C HIS A 600 5.12 -1.81 -11.72
N ASP A 601 4.99 -0.62 -11.13
CA ASP A 601 5.02 0.61 -11.91
C ASP A 601 6.20 1.51 -11.52
N THR A 602 7.17 0.99 -10.78
CA THR A 602 8.34 1.75 -10.38
C THR A 602 9.58 0.90 -10.53
N SER A 603 10.73 1.56 -10.57
CA SER A 603 12.00 0.85 -10.49
C SER A 603 12.17 0.20 -9.13
N ARG A 604 12.96 -0.87 -9.10
CA ARG A 604 13.25 -1.57 -7.86
C ARG A 604 14.00 -0.66 -6.89
N VAL A 605 13.70 -0.83 -5.60
CA VAL A 605 14.28 0.02 -4.55
C VAL A 605 15.80 -0.11 -4.53
N LEU A 606 16.34 -1.29 -4.87
CA LEU A 606 17.78 -1.45 -4.90
C LEU A 606 18.41 -0.61 -6.01
N THR A 607 17.68 -0.39 -7.10
CA THR A 607 18.14 0.53 -8.13
C THR A 607 18.00 1.98 -7.68
N ASP A 608 16.86 2.34 -7.09
CA ASP A 608 16.69 3.70 -6.57
C ASP A 608 17.79 4.07 -5.57
N LEU A 609 18.32 3.09 -4.84
CA LEU A 609 19.36 3.37 -3.87
C LEU A 609 20.77 3.36 -4.47
N GLY A 610 20.88 3.42 -5.80
CA GLY A 610 22.17 3.45 -6.45
C GLY A 610 22.83 2.10 -6.62
N GLY A 611 22.04 1.02 -6.72
CA GLY A 611 22.60 -0.31 -6.85
C GLY A 611 23.01 -0.71 -8.25
N GLY A 612 22.53 0.01 -9.27
CA GLY A 612 22.88 -0.26 -10.65
C GLY A 612 21.66 -0.61 -11.48
N LYS A 613 21.92 -1.05 -12.71
CA LYS A 613 20.90 -1.43 -13.67
C LYS A 613 20.87 -2.95 -13.82
N LEU A 614 19.77 -3.46 -14.37
CA LEU A 614 19.65 -4.91 -14.55
C LEU A 614 20.77 -5.43 -15.44
N GLY A 615 21.42 -6.49 -14.97
CA GLY A 615 22.63 -6.98 -15.58
C GLY A 615 23.90 -6.59 -14.84
N ASP A 616 23.85 -5.55 -14.02
CA ASP A 616 25.00 -5.12 -13.22
C ASP A 616 25.02 -5.89 -11.91
N THR A 617 26.07 -5.66 -11.11
CA THR A 617 26.20 -6.24 -9.78
C THR A 617 25.91 -5.18 -8.74
N PRO A 618 24.97 -5.41 -7.83
CA PRO A 618 24.63 -4.38 -6.85
C PRO A 618 25.81 -4.06 -5.95
N SER A 619 26.10 -2.77 -5.79
CA SER A 619 27.15 -2.33 -4.88
C SER A 619 26.76 -2.64 -3.44
N ASN A 620 27.75 -2.97 -2.63
CA ASN A 620 27.46 -3.31 -1.23
C ASN A 620 26.96 -2.10 -0.44
N GLU A 621 27.27 -0.87 -0.88
CA GLU A 621 26.70 0.31 -0.24
C GLU A 621 25.19 0.35 -0.41
N SER A 622 24.70 0.11 -1.63
CA SER A 622 23.26 0.14 -1.89
C SER A 622 22.53 -0.93 -1.09
N ILE A 623 23.22 -2.03 -0.75
CA ILE A 623 22.58 -3.05 0.07
C ILE A 623 22.50 -2.58 1.52
N GLN A 624 23.48 -1.77 1.97
CA GLN A 624 23.37 -1.17 3.30
C GLN A 624 22.15 -0.25 3.38
N ARG A 625 21.83 0.45 2.29
CA ARG A 625 20.62 1.26 2.24
C ARG A 625 19.37 0.41 2.08
N LEU A 626 19.49 -0.74 1.41
CA LEU A 626 18.33 -1.63 1.26
C LEU A 626 17.96 -2.28 2.59
N LYS A 627 18.96 -2.59 3.42
CA LYS A 627 18.65 -3.08 4.75
C LYS A 627 18.11 -1.96 5.64
N LEU A 628 18.57 -0.73 5.41
CA LEU A 628 18.03 0.40 6.18
C LEU A 628 16.58 0.65 5.82
N LEU A 629 16.25 0.65 4.53
CA LEU A 629 14.87 0.93 4.11
C LEU A 629 13.93 -0.20 4.52
N SER A 630 14.41 -1.45 4.46
CA SER A 630 13.57 -2.57 4.86
C SER A 630 13.25 -2.52 6.34
N THR A 631 14.27 -2.22 7.16
CA THR A 631 14.04 -2.17 8.60
C THR A 631 13.13 -1.00 8.97
N LEU A 632 13.20 0.11 8.23
CA LEU A 632 12.24 1.19 8.44
C LEU A 632 10.81 0.73 8.17
N LEU A 633 10.61 -0.11 7.15
CA LEU A 633 9.26 -0.58 6.83
C LEU A 633 8.72 -1.50 7.91
N TYR A 634 9.52 -2.48 8.33
CA TYR A 634 9.09 -3.51 9.26
C TYR A 634 9.00 -3.03 10.70
N ALA A 635 9.20 -1.74 10.95
CA ALA A 635 9.12 -1.19 12.30
C ALA A 635 7.98 -0.21 12.49
N LEU A 636 7.31 0.17 11.43
CA LEU A 636 6.24 1.16 11.48
C LEU A 636 4.89 0.46 11.51
N PRO A 637 3.85 1.14 11.98
CA PRO A 637 2.52 0.53 11.98
C PRO A 637 2.06 0.24 10.56
N GLY A 638 1.18 -0.75 10.43
CA GLY A 638 0.69 -1.21 9.15
C GLY A 638 1.27 -2.56 8.76
N THR A 639 1.21 -2.84 7.46
CA THR A 639 1.80 -4.04 6.90
C THR A 639 2.88 -3.67 5.91
N PRO A 640 4.10 -4.20 6.05
CA PRO A 640 5.13 -3.94 5.04
C PRO A 640 4.84 -4.71 3.76
N VAL A 641 4.98 -4.04 2.63
CA VAL A 641 4.76 -4.64 1.32
C VAL A 641 6.10 -4.73 0.61
N THR A 642 6.39 -5.90 0.05
CA THR A 642 7.63 -6.19 -0.65
C THR A 642 7.29 -6.64 -2.06
N PHE A 643 7.90 -5.97 -3.05
CA PHE A 643 7.72 -6.41 -4.43
C PHE A 643 8.52 -7.70 -4.66
N GLN A 644 7.94 -8.56 -5.50
CA GLN A 644 8.54 -9.87 -5.79
C GLN A 644 10.00 -9.74 -6.18
N GLY A 645 10.86 -10.50 -5.49
CA GLY A 645 12.27 -10.53 -5.81
C GLY A 645 13.10 -9.47 -5.12
N ASP A 646 12.48 -8.47 -4.51
CA ASP A 646 13.25 -7.53 -3.71
C ASP A 646 13.95 -8.22 -2.54
N GLU A 647 13.39 -9.33 -2.05
CA GLU A 647 14.08 -10.11 -1.03
C GLU A 647 15.21 -10.94 -1.60
N ARG A 648 15.42 -10.90 -2.91
CA ARG A 648 16.47 -11.66 -3.57
C ARG A 648 17.63 -10.80 -4.05
N GLY A 649 17.50 -9.47 -3.98
CA GLY A 649 18.56 -8.56 -4.34
C GLY A 649 18.65 -8.28 -5.83
N LEU A 650 17.53 -7.89 -6.44
CA LEU A 650 17.46 -7.69 -7.87
C LEU A 650 17.53 -6.20 -8.22
N LEU A 651 17.81 -5.92 -9.49
CA LEU A 651 17.91 -4.58 -10.03
C LEU A 651 16.87 -4.40 -11.14
N GLY A 652 16.65 -3.14 -11.53
CA GLY A 652 15.68 -2.83 -12.55
C GLY A 652 15.32 -1.36 -12.64
N ASP A 653 15.57 -0.75 -13.81
CA ASP A 653 15.24 0.63 -14.10
C ASP A 653 13.95 0.67 -14.91
N LYS A 654 12.97 1.42 -14.41
CA LYS A 654 11.69 1.57 -15.10
C LYS A 654 11.87 2.23 -16.47
N GLY A 655 12.88 3.09 -16.63
CA GLY A 655 13.08 3.81 -17.87
C GLY A 655 13.57 2.95 -19.02
N HIS A 656 14.17 1.81 -18.73
CA HIS A 656 14.67 0.90 -19.76
C HIS A 656 13.66 -0.24 -19.93
N TYR A 657 12.57 0.07 -20.63
CA TYR A 657 11.57 -0.93 -21.03
C TYR A 657 11.05 -1.75 -19.85
N ASP A 658 10.94 -1.13 -18.68
CA ASP A 658 10.35 -1.75 -17.49
C ASP A 658 11.14 -2.98 -17.04
N GLU A 659 12.40 -2.72 -16.65
CA GLU A 659 13.25 -3.79 -16.14
C GLU A 659 12.79 -4.34 -14.81
N GLN A 660 11.95 -3.62 -14.06
CA GLN A 660 11.48 -4.16 -12.79
C GLN A 660 10.58 -5.37 -13.00
N ARG A 661 10.04 -5.55 -14.20
CA ARG A 661 9.16 -6.66 -14.52
C ARG A 661 9.89 -7.81 -15.20
N TYR A 662 11.23 -7.92 -15.01
CA TYR A 662 11.91 -9.09 -15.52
C TYR A 662 11.60 -10.29 -14.64
N PRO A 663 11.42 -11.49 -15.22
CA PRO A 663 10.99 -12.63 -14.42
C PRO A 663 12.03 -13.04 -13.38
N ILE A 664 11.56 -13.67 -12.30
CA ILE A 664 12.43 -14.08 -11.20
C ILE A 664 13.24 -15.28 -11.64
N GLN A 665 14.56 -15.23 -11.40
CA GLN A 665 15.47 -16.33 -11.71
C GLN A 665 15.71 -17.13 -10.44
N TRP A 666 15.01 -18.26 -10.31
CA TRP A 666 14.99 -19.02 -9.06
C TRP A 666 16.26 -19.81 -8.80
N ASP A 667 17.22 -19.83 -9.72
CA ASP A 667 18.49 -20.50 -9.47
C ASP A 667 19.59 -19.55 -9.03
N THR A 668 19.29 -18.26 -8.92
CA THR A 668 20.20 -17.27 -8.37
C THR A 668 19.58 -16.67 -7.13
N VAL A 669 20.40 -16.48 -6.09
CA VAL A 669 19.93 -15.89 -4.86
C VAL A 669 21.04 -15.06 -4.24
N ASN A 670 20.64 -13.98 -3.58
CA ASN A 670 21.53 -13.23 -2.70
C ASN A 670 21.17 -13.65 -1.28
N GLU A 671 21.79 -14.75 -0.83
CA GLU A 671 21.38 -15.38 0.43
C GLU A 671 21.49 -14.43 1.60
N ASP A 672 22.28 -13.37 1.49
CA ASP A 672 22.38 -12.38 2.56
C ASP A 672 21.11 -11.53 2.63
N VAL A 673 20.63 -11.05 1.49
CA VAL A 673 19.39 -10.28 1.46
C VAL A 673 18.19 -11.17 1.77
N LEU A 674 18.24 -12.44 1.35
CA LEU A 674 17.14 -13.36 1.61
C LEU A 674 16.99 -13.62 3.10
N ASN A 675 18.09 -13.98 3.77
CA ASN A 675 18.01 -14.20 5.21
C ASN A 675 17.82 -12.90 5.98
N HIS A 676 18.15 -11.76 5.38
CA HIS A 676 17.86 -10.47 6.00
C HIS A 676 16.36 -10.25 6.14
N TYR A 677 15.61 -10.43 5.06
CA TYR A 677 14.16 -10.28 5.12
C TYR A 677 13.53 -11.33 6.03
N ARG A 678 14.10 -12.54 6.07
CA ARG A 678 13.58 -13.56 6.96
C ARG A 678 13.75 -13.13 8.42
N ALA A 679 14.91 -12.56 8.75
CA ALA A 679 15.15 -12.13 10.12
C ALA A 679 14.28 -10.93 10.49
N LEU A 680 14.01 -10.02 9.56
CA LEU A 680 13.09 -8.92 9.86
C LEU A 680 11.69 -9.44 10.13
N ALA A 681 11.24 -10.41 9.34
CA ALA A 681 9.87 -10.91 9.48
C ALA A 681 9.64 -11.49 10.87
N GLU A 682 10.58 -12.32 11.34
CA GLU A 682 10.43 -12.91 12.67
C GLU A 682 10.62 -11.88 13.76
N LEU A 683 11.50 -10.90 13.54
CA LEU A 683 11.64 -9.80 14.49
C LEU A 683 10.31 -9.10 14.70
N ARG A 684 9.60 -8.80 13.60
CA ARG A 684 8.31 -8.14 13.72
C ARG A 684 7.30 -8.99 14.48
N LYS A 685 7.42 -10.32 14.37
CA LYS A 685 6.53 -11.21 15.12
C LYS A 685 6.98 -11.33 16.58
N ARG A 686 8.29 -11.35 16.83
CA ARG A 686 8.77 -11.44 18.20
C ARG A 686 8.39 -10.22 19.02
N VAL A 687 8.47 -9.02 18.42
CA VAL A 687 8.29 -7.77 19.13
C VAL A 687 6.91 -7.25 18.81
N PRO A 688 5.92 -7.36 19.72
CA PRO A 688 4.58 -6.85 19.42
C PRO A 688 4.52 -5.33 19.27
N ALA A 689 5.55 -4.60 19.70
CA ALA A 689 5.50 -3.14 19.61
C ALA A 689 5.61 -2.66 18.16
N LEU A 690 6.29 -3.41 17.30
CA LEU A 690 6.39 -3.03 15.90
C LEU A 690 5.07 -3.20 15.17
N ARG A 691 4.22 -4.11 15.64
CA ARG A 691 2.92 -4.36 15.02
C ARG A 691 1.83 -3.41 15.53
N SER A 692 2.09 -2.71 16.62
CA SER A 692 1.11 -1.84 17.25
C SER A 692 0.88 -0.57 16.44
N SER A 693 -0.05 0.26 16.90
CA SER A 693 -0.44 1.48 16.20
C SER A 693 0.17 2.74 16.78
N ALA A 694 0.78 2.66 17.97
CA ALA A 694 1.32 3.82 18.65
C ALA A 694 2.78 4.03 18.26
N MET A 695 3.09 5.18 17.68
CA MET A 695 4.47 5.54 17.40
C MET A 695 4.69 7.00 17.78
N ARG A 696 5.81 7.27 18.44
CA ARG A 696 6.12 8.60 18.94
C ARG A 696 7.51 9.01 18.45
N PHE A 697 7.67 10.32 18.22
CA PHE A 697 8.92 10.86 17.70
C PHE A 697 9.88 11.20 18.83
N TYR A 698 11.16 10.97 18.57
CA TYR A 698 12.22 11.39 19.48
C TYR A 698 12.86 12.68 18.98
N THR A 699 13.99 12.58 18.29
CA THR A 699 14.66 13.75 17.73
C THR A 699 15.20 13.39 16.35
N ALA A 700 15.94 14.33 15.77
CA ALA A 700 16.54 14.13 14.45
C ALA A 700 17.73 15.06 14.33
N LYS A 701 18.93 14.51 14.30
CA LYS A 701 20.17 15.27 14.20
C LYS A 701 20.84 14.91 12.88
N GLY A 702 20.73 15.79 11.89
CA GLY A 702 21.35 15.58 10.60
C GLY A 702 20.79 14.37 9.88
N GLY A 703 21.57 13.29 9.81
CA GLY A 703 21.10 12.05 9.24
C GLY A 703 20.37 11.13 10.17
N VAL A 704 20.35 11.43 11.48
CA VAL A 704 19.74 10.54 12.45
C VAL A 704 18.23 10.74 12.45
N MET A 705 17.50 9.64 12.44
CA MET A 705 16.04 9.65 12.52
C MET A 705 15.65 8.70 13.64
N ALA A 706 15.13 9.24 14.73
CA ALA A 706 14.77 8.45 15.90
C ALA A 706 13.29 8.60 16.21
N PHE A 707 12.64 7.48 16.52
CA PHE A 707 11.24 7.52 16.92
C PHE A 707 10.93 6.32 17.80
N PHE A 708 9.95 6.50 18.67
CA PHE A 708 9.48 5.44 19.55
C PHE A 708 8.43 4.57 18.86
N ARG A 709 8.26 3.37 19.40
CA ARG A 709 7.24 2.44 18.93
C ARG A 709 6.62 1.76 20.14
N GLY A 710 5.32 1.51 20.06
CA GLY A 710 4.62 0.84 21.14
C GLY A 710 3.80 1.80 21.98
N HIS A 711 2.89 1.23 22.78
CA HIS A 711 1.97 2.03 23.57
C HIS A 711 2.60 2.58 24.85
N HIS A 712 3.69 1.97 25.33
CA HIS A 712 4.38 2.47 26.51
C HIS A 712 5.80 2.94 26.18
N ASP A 713 6.07 3.25 24.90
CA ASP A 713 7.38 3.68 24.43
C ASP A 713 8.45 2.63 24.77
N GLU A 714 8.11 1.36 24.57
CA GLU A 714 9.02 0.25 24.88
C GLU A 714 10.19 0.16 23.91
N VAL A 715 9.96 0.53 22.64
CA VAL A 715 10.93 0.32 21.56
C VAL A 715 11.31 1.67 20.97
N LEU A 716 12.61 1.85 20.72
CA LEU A 716 13.14 3.04 20.08
C LEU A 716 13.89 2.65 18.81
N VAL A 717 13.51 3.27 17.69
CA VAL A 717 14.09 2.98 16.39
C VAL A 717 14.98 4.15 15.98
N VAL A 718 16.30 3.94 15.98
CA VAL A 718 17.25 4.98 15.61
C VAL A 718 17.93 4.58 14.30
N ALA A 719 17.94 5.50 13.34
CA ALA A 719 18.51 5.25 12.03
C ALA A 719 19.51 6.35 11.70
N ASN A 720 20.37 6.07 10.71
CA ASN A 720 21.36 7.04 10.26
C ASN A 720 21.58 6.81 8.77
N SER A 721 21.34 7.85 7.97
CA SER A 721 21.31 7.73 6.53
C SER A 721 22.59 8.19 5.85
N TRP A 722 23.49 8.86 6.57
CA TRP A 722 24.67 9.44 5.98
C TRP A 722 25.86 8.48 6.05
N LYS A 723 26.89 8.77 5.26
CA LYS A 723 28.07 7.93 5.17
C LYS A 723 29.00 8.07 6.37
N LYS A 724 28.75 9.01 7.26
CA LYS A 724 29.60 9.16 8.43
C LYS A 724 28.85 8.72 9.68
N PRO A 725 29.53 8.09 10.65
CA PRO A 725 28.82 7.68 11.86
C PRO A 725 28.47 8.90 12.72
N ALA A 726 27.25 8.90 13.23
CA ALA A 726 26.73 10.01 14.01
C ALA A 726 26.75 9.69 15.50
N LEU A 727 26.57 10.73 16.29
CA LEU A 727 26.53 10.63 17.75
C LEU A 727 25.14 11.04 18.22
N LEU A 728 24.52 10.21 19.05
CA LEU A 728 23.17 10.47 19.53
C LEU A 728 23.08 10.19 21.02
N GLU A 729 22.35 11.04 21.72
CA GLU A 729 22.05 10.81 23.14
C GLU A 729 20.72 10.08 23.25
N LEU A 730 20.68 9.07 24.13
CA LEU A 730 19.50 8.22 24.25
C LEU A 730 18.46 8.86 25.15
N PRO A 731 17.20 8.47 25.00
CA PRO A 731 16.19 8.81 26.00
C PRO A 731 16.52 8.19 27.34
N GLU A 732 15.77 8.61 28.36
CA GLU A 732 16.00 8.11 29.70
C GLU A 732 15.81 6.59 29.76
N GLY A 733 16.68 5.93 30.50
CA GLY A 733 16.57 4.51 30.76
C GLY A 733 17.68 3.71 30.15
N GLU A 734 17.59 2.40 30.31
CA GLU A 734 18.54 1.43 29.81
C GLU A 734 17.90 0.63 28.67
N TRP A 735 18.66 0.41 27.60
CA TRP A 735 18.13 -0.12 26.36
C TRP A 735 18.83 -1.41 25.95
N LYS A 736 18.04 -2.39 25.49
CA LYS A 736 18.54 -3.67 25.02
C LYS A 736 18.51 -3.67 23.49
N VAL A 737 19.66 -3.92 22.87
CA VAL A 737 19.75 -3.91 21.41
C VAL A 737 19.11 -5.16 20.85
N ILE A 738 18.34 -5.02 19.77
CA ILE A 738 17.72 -6.21 19.20
C ILE A 738 17.97 -6.27 17.71
N TRP A 739 18.44 -5.18 17.12
CA TRP A 739 18.76 -5.23 15.72
C TRP A 739 19.93 -4.30 15.43
N LEU A 748 21.58 0.09 25.27
CA LEU A 748 22.63 0.52 26.18
C LEU A 748 22.26 1.86 26.83
N ARG A 749 23.25 2.58 27.35
CA ARG A 749 23.01 3.74 28.18
C ARG A 749 23.73 4.97 27.64
N GLY A 750 23.29 6.13 28.12
CA GLY A 750 24.00 7.37 27.84
C GLY A 750 23.90 7.76 26.37
N THR A 751 25.02 8.20 25.82
CA THR A 751 25.10 8.57 24.42
C THR A 751 25.70 7.43 23.62
N VAL A 752 25.28 7.31 22.36
CA VAL A 752 25.63 6.18 21.51
C VAL A 752 26.15 6.69 20.18
N GLU A 753 26.81 5.80 19.45
CA GLU A 753 27.37 6.08 18.13
C GLU A 753 26.62 5.25 17.11
N VAL A 754 25.53 5.81 16.60
CA VAL A 754 24.75 5.11 15.56
C VAL A 754 25.58 5.01 14.29
N PRO A 755 25.71 3.81 13.71
CA PRO A 755 26.67 3.62 12.61
C PRO A 755 26.18 4.21 11.30
N ALA A 756 27.14 4.40 10.39
CA ALA A 756 26.86 4.99 9.09
C ALA A 756 26.04 4.04 8.23
N ILE A 757 24.99 4.59 7.60
CA ILE A 757 24.03 3.82 6.80
C ILE A 757 23.54 2.65 7.65
N GLY A 758 23.26 2.92 8.92
CA GLY A 758 22.88 1.87 9.84
C GLY A 758 21.55 2.17 10.51
N ILE A 759 20.93 1.10 11.00
CA ILE A 759 19.65 1.18 11.67
C ILE A 759 19.69 0.23 12.86
N ILE A 760 19.37 0.74 14.04
CA ILE A 760 19.39 -0.03 15.28
C ILE A 760 18.02 0.07 15.94
N ILE A 761 17.57 -1.04 16.51
CA ILE A 761 16.30 -1.07 17.24
C ILE A 761 16.58 -1.46 18.69
N LEU A 762 16.05 -0.69 19.62
CA LEU A 762 16.32 -0.84 21.03
C LEU A 762 15.02 -1.05 21.80
N GLU A 763 15.15 -1.63 23.00
CA GLU A 763 14.03 -1.91 23.87
C GLU A 763 14.42 -1.67 25.32
N ARG A 764 13.40 -1.38 26.14
CA ARG A 764 13.59 -1.27 27.57
C ARG A 764 12.96 -2.45 28.30
#